data_4C52
#
_entry.id   4C52
#
_cell.length_a   63.814
_cell.length_b   63.814
_cell.length_c   132.830
_cell.angle_alpha   90.00
_cell.angle_beta   90.00
_cell.angle_gamma   120.00
#
_symmetry.space_group_name_H-M   'P 32 2 1'
#
loop_
_entity.id
_entity.type
_entity.pdbx_description
1 polymer 'BCL-2-LIKE PROTEIN 1'
2 non-polymer '(R)-2-(3-(3-((2,4-DIFLUOROPENYL)ETHYNYL)BENZOYL)-3-PROPYLUREIDO)-3-(ISOBUTYLTHIO) PROPANOIC ACID'
3 non-polymer 'SULFATE ION'
4 non-polymer 1,2-ETHANEDIOL
5 water water
#
_entity_poly.entity_id   1
_entity_poly.type   'polypeptide(L)'
_entity_poly.pdbx_seq_one_letter_code
;GPLGSMSQSNRELVVDFLSYKLSQKGYSWSQMAAVKQALREAGDEFELRYRRAFSDLTSQLHITPGTAYQSFEQVVNELF
RDGVNWGRIVAFFSFGGALCVESVDKEMQVLVSRIAAWMATYLNDHLEPWIQENGGWDTFVELYGNNAAAESRKGQER
;
_entity_poly.pdbx_strand_id   A,B
#
loop_
_chem_comp.id
_chem_comp.type
_chem_comp.name
_chem_comp.formula
EDO non-polymer 1,2-ETHANEDIOL 'C2 H6 O2'
SO4 non-polymer 'SULFATE ION' 'O4 S -2'
X0D non-polymer '(R)-2-(3-(3-((2,4-DIFLUOROPENYL)ETHYNYL)BENZOYL)-3-PROPYLUREIDO)-3-(ISOBUTYLTHIO) PROPANOIC ACID' 'C26 H28 F2 N2 O4 S'
#
# COMPACT_ATOMS: atom_id res chain seq x y z
N GLY A 1 16.07 -2.99 2.65
CA GLY A 1 14.64 -3.20 2.80
C GLY A 1 14.23 -4.59 2.34
N PRO A 2 12.95 -4.92 2.52
CA PRO A 2 12.39 -6.22 2.10
C PRO A 2 12.52 -6.32 0.58
N LEU A 3 12.51 -7.54 0.02
CA LEU A 3 12.68 -7.66 -1.44
C LEU A 3 11.39 -7.38 -2.20
N GLY A 4 11.40 -6.38 -3.06
CA GLY A 4 10.24 -6.07 -3.86
C GLY A 4 10.44 -6.41 -5.32
N SER A 5 9.37 -6.31 -6.10
CA SER A 5 9.43 -6.63 -7.52
C SER A 5 10.40 -5.72 -8.29
N MET A 6 10.55 -4.47 -7.87
CA MET A 6 11.34 -3.50 -8.63
C MET A 6 12.50 -2.87 -7.86
N SER A 7 12.57 -3.12 -6.55
CA SER A 7 13.65 -2.61 -5.72
C SER A 7 13.52 -3.22 -4.33
N GLN A 8 14.40 -2.84 -3.40
CA GLN A 8 14.30 -3.35 -2.05
C GLN A 8 14.53 -2.22 -1.04
N SER A 9 13.88 -1.09 -1.26
CA SER A 9 14.25 0.10 -0.51
C SER A 9 13.53 0.22 0.83
N ASN A 10 14.26 0.73 1.81
CA ASN A 10 13.69 1.01 3.13
C ASN A 10 12.72 2.21 3.08
N ARG A 11 13.03 3.18 2.24
CA ARG A 11 12.14 4.33 2.06
C ARG A 11 10.75 3.88 1.62
N GLU A 12 10.71 2.95 0.67
CA GLU A 12 9.42 2.45 0.19
C GLU A 12 8.57 1.86 1.33
N LEU A 13 9.19 1.11 2.23
CA LEU A 13 8.46 0.60 3.38
C LEU A 13 8.01 1.72 4.34
N VAL A 14 8.90 2.66 4.61
CA VAL A 14 8.53 3.77 5.48
C VAL A 14 7.37 4.58 4.91
N VAL A 15 7.47 4.95 3.63
CA VAL A 15 6.45 5.74 2.96
C VAL A 15 5.11 5.00 2.96
N ASP A 16 5.15 3.68 2.78
CA ASP A 16 3.89 2.91 2.83
C ASP A 16 3.22 3.06 4.17
N PHE A 17 3.98 2.80 5.24
CA PHE A 17 3.44 2.93 6.59
C PHE A 17 2.90 4.34 6.89
N LEU A 18 3.70 5.37 6.61
CA LEU A 18 3.29 6.76 6.89
C LEU A 18 2.02 7.15 6.11
N SER A 19 1.91 6.66 4.87
CA SER A 19 0.76 6.93 4.04
C SER A 19 -0.48 6.38 4.70
N TYR A 20 -0.37 5.15 5.18
CA TYR A 20 -1.46 4.48 5.86
C TYR A 20 -1.93 5.30 7.05
N LYS A 21 -0.99 5.69 7.91
CA LYS A 21 -1.32 6.36 9.15
C LYS A 21 -1.88 7.77 8.93
N LEU A 22 -1.36 8.47 7.92
CA LEU A 22 -1.95 9.75 7.54
C LEU A 22 -3.40 9.58 7.05
N SER A 23 -3.65 8.52 6.27
CA SER A 23 -5.00 8.33 5.69
C SER A 23 -6.01 8.03 6.77
N GLN A 24 -5.58 7.29 7.79
CA GLN A 24 -6.44 7.01 8.94
C GLN A 24 -6.92 8.26 9.66
N LYS A 25 -6.19 9.36 9.50
CA LYS A 25 -6.56 10.59 10.17
C LYS A 25 -7.19 11.58 9.20
N GLY A 26 -7.47 11.15 7.98
CA GLY A 26 -8.06 12.02 6.98
C GLY A 26 -7.06 12.86 6.22
N TYR A 27 -5.78 12.50 6.29
CA TYR A 27 -4.74 13.19 5.53
C TYR A 27 -4.22 12.28 4.45
N SER A 28 -3.32 12.80 3.63
CA SER A 28 -2.70 12.04 2.55
C SER A 28 -1.20 12.30 2.44
N TRP A 29 -0.44 11.23 2.21
CA TRP A 29 0.97 11.35 1.84
C TRP A 29 1.07 12.14 0.51
N SER A 30 0.17 11.84 -0.41
CA SER A 30 0.19 12.45 -1.73
C SER A 30 -1.12 12.16 -2.42
N GLN A 31 -1.27 12.72 -3.62
CA GLN A 31 -2.48 12.49 -4.38
C GLN A 31 -2.56 11.04 -4.82
N MET A 32 -1.43 10.46 -5.21
CA MET A 32 -1.39 9.06 -5.56
C MET A 32 -1.81 8.18 -4.37
N ALA A 33 -1.29 8.48 -3.18
CA ALA A 33 -1.69 7.78 -1.96
C ALA A 33 -3.20 7.86 -1.72
N ALA A 34 -3.78 9.04 -1.97
CA ALA A 34 -5.20 9.25 -1.78
C ALA A 34 -6.02 8.46 -2.79
N VAL A 35 -5.54 8.39 -4.03
CA VAL A 35 -6.22 7.63 -5.06
C VAL A 35 -6.19 6.14 -4.72
N LYS A 36 -5.01 5.66 -4.32
CA LYS A 36 -4.86 4.27 -3.92
C LYS A 36 -5.85 3.88 -2.82
N GLN A 37 -5.91 4.71 -1.78
CA GLN A 37 -6.77 4.41 -0.63
C GLN A 37 -8.25 4.44 -1.05
N ALA A 38 -8.62 5.41 -1.86
CA ALA A 38 -10.00 5.52 -2.32
C ALA A 38 -10.43 4.32 -3.14
N LEU A 39 -9.51 3.77 -3.92
CA LEU A 39 -9.83 2.65 -4.81
C LEU A 39 -9.92 1.36 -3.99
N ARG A 40 -9.01 1.18 -3.04
CA ARG A 40 -9.12 0.08 -2.10
C ARG A 40 -10.52 0.04 -1.45
N GLU A 41 -10.94 1.18 -0.90
CA GLU A 41 -12.23 1.22 -0.22
C GLU A 41 -13.38 1.02 -1.20
N ALA A 42 -13.26 1.59 -2.40
CA ALA A 42 -14.28 1.40 -3.43
C ALA A 42 -14.40 -0.08 -3.78
N GLY A 43 -13.25 -0.74 -3.89
CA GLY A 43 -13.18 -2.17 -4.20
C GLY A 43 -13.85 -3.01 -3.11
N ASP A 44 -13.50 -2.71 -1.85
CA ASP A 44 -14.09 -3.41 -0.70
C ASP A 44 -15.61 -3.34 -0.72
N GLU A 45 -16.15 -2.13 -0.90
CA GLU A 45 -17.59 -1.94 -0.88
C GLU A 45 -18.28 -2.62 -2.04
N PHE A 46 -17.67 -2.55 -3.22
CA PHE A 46 -18.24 -3.17 -4.41
C PHE A 46 -18.29 -4.69 -4.23
N GLU A 47 -17.21 -5.26 -3.71
CA GLU A 47 -17.12 -6.71 -3.53
C GLU A 47 -18.12 -7.24 -2.52
N LEU A 48 -18.34 -6.51 -1.43
CA LEU A 48 -19.32 -6.95 -0.44
C LEU A 48 -20.71 -6.85 -1.04
N ARG A 49 -21.01 -5.72 -1.65
CA ARG A 49 -22.35 -5.51 -2.18
C ARG A 49 -22.67 -6.50 -3.30
N TYR A 50 -21.74 -6.68 -4.24
CA TYR A 50 -21.99 -7.54 -5.37
C TYR A 50 -21.38 -8.93 -5.20
N ARG A 51 -21.38 -9.42 -3.96
CA ARG A 51 -20.67 -10.66 -3.64
C ARG A 51 -21.16 -11.88 -4.42
N ARG A 52 -22.43 -11.88 -4.78
CA ARG A 52 -22.99 -12.99 -5.53
C ARG A 52 -22.32 -13.21 -6.89
N ALA A 53 -21.71 -12.15 -7.43
CA ALA A 53 -21.11 -12.22 -8.75
C ALA A 53 -19.67 -12.70 -8.70
N PHE A 54 -19.15 -12.93 -7.49
CA PHE A 54 -17.75 -13.32 -7.32
C PHE A 54 -17.57 -14.81 -7.05
N SER A 55 -18.04 -15.64 -7.97
CA SER A 55 -17.89 -17.07 -7.82
C SER A 55 -17.38 -17.66 -9.13
N ASP A 56 -16.29 -18.40 -9.03
CA ASP A 56 -15.68 -19.06 -10.18
C ASP A 56 -15.52 -18.09 -11.36
N LEU A 57 -14.76 -17.02 -11.12
CA LEU A 57 -14.53 -16.00 -12.13
C LEU A 57 -13.55 -16.44 -13.21
N THR A 58 -12.64 -17.34 -12.86
CA THR A 58 -11.67 -17.83 -13.84
C THR A 58 -12.38 -18.56 -14.97
N SER A 59 -13.54 -19.13 -14.66
CA SER A 59 -14.35 -19.83 -15.65
C SER A 59 -15.22 -18.88 -16.45
N GLN A 60 -15.99 -18.05 -15.74
CA GLN A 60 -16.89 -17.12 -16.41
C GLN A 60 -16.12 -16.11 -17.25
N LEU A 61 -14.95 -15.67 -16.76
CA LEU A 61 -14.18 -14.64 -17.45
C LEU A 61 -13.10 -15.24 -18.35
N HIS A 62 -13.07 -16.57 -18.40
CA HIS A 62 -12.14 -17.34 -19.23
C HIS A 62 -10.67 -16.97 -19.08
N ILE A 63 -10.23 -16.80 -17.84
CA ILE A 63 -8.82 -16.51 -17.59
C ILE A 63 -8.05 -17.73 -17.07
N THR A 64 -7.22 -18.30 -17.93
CA THR A 64 -6.45 -19.49 -17.59
C THR A 64 -4.96 -19.19 -17.75
N PRO A 65 -4.09 -20.05 -17.21
CA PRO A 65 -2.69 -19.85 -17.55
C PRO A 65 -2.54 -20.08 -19.05
N GLY A 66 -1.82 -19.20 -19.73
CA GLY A 66 -1.68 -19.34 -21.17
C GLY A 66 -2.59 -18.39 -21.91
N THR A 67 -3.48 -17.71 -21.18
CA THR A 67 -4.33 -16.68 -21.80
C THR A 67 -3.43 -15.58 -22.37
N ALA A 68 -3.84 -14.99 -23.48
CA ALA A 68 -3.05 -13.94 -24.11
C ALA A 68 -3.81 -12.64 -23.90
N TYR A 69 -3.10 -11.52 -23.95
CA TYR A 69 -3.73 -10.24 -23.70
C TYR A 69 -4.97 -9.99 -24.58
N GLN A 70 -4.87 -10.29 -25.87
CA GLN A 70 -5.97 -10.10 -26.84
C GLN A 70 -7.28 -10.76 -26.37
N SER A 71 -7.17 -11.96 -25.81
CA SER A 71 -8.32 -12.67 -25.24
C SER A 71 -8.83 -11.92 -24.00
N PHE A 72 -7.90 -11.51 -23.14
CA PHE A 72 -8.23 -10.74 -21.95
C PHE A 72 -9.02 -9.47 -22.31
N GLU A 73 -8.53 -8.79 -23.33
CA GLU A 73 -9.13 -7.56 -23.85
C GLU A 73 -10.56 -7.73 -24.36
N GLN A 74 -10.85 -8.76 -25.15
N GLN A 74 -10.83 -8.77 -25.15
CA GLN A 74 -12.23 -8.91 -25.62
CA GLN A 74 -12.18 -9.02 -25.63
C GLN A 74 -13.18 -9.25 -24.46
C GLN A 74 -13.15 -9.23 -24.47
N VAL A 75 -12.67 -9.94 -23.45
CA VAL A 75 -13.50 -10.22 -22.28
C VAL A 75 -13.81 -8.93 -21.57
N VAL A 76 -12.77 -8.17 -21.22
CA VAL A 76 -12.96 -6.93 -20.49
C VAL A 76 -13.77 -5.91 -21.30
N ASN A 77 -13.62 -5.92 -22.63
CA ASN A 77 -14.47 -5.08 -23.48
C ASN A 77 -15.95 -5.24 -23.19
N GLU A 78 -16.35 -6.46 -22.80
CA GLU A 78 -17.76 -6.70 -22.56
C GLU A 78 -18.27 -5.94 -21.34
N LEU A 79 -17.39 -5.74 -20.36
CA LEU A 79 -17.77 -4.98 -19.15
C LEU A 79 -18.04 -3.50 -19.49
N PHE A 80 -17.28 -2.98 -20.45
CA PHE A 80 -17.43 -1.59 -20.83
C PHE A 80 -18.25 -1.39 -22.12
N ARG A 81 -19.00 -2.41 -22.52
CA ARG A 81 -19.72 -2.39 -23.79
C ARG A 81 -20.68 -1.19 -23.92
N ASP A 82 -21.33 -0.84 -22.82
CA ASP A 82 -22.23 0.32 -22.81
C ASP A 82 -21.56 1.60 -22.36
N GLY A 83 -20.24 1.66 -22.44
CA GLY A 83 -19.52 2.86 -22.09
C GLY A 83 -18.76 2.78 -20.79
N VAL A 84 -17.80 3.68 -20.61
CA VAL A 84 -17.02 3.72 -19.40
C VAL A 84 -17.70 4.62 -18.38
N ASN A 85 -17.71 4.20 -17.12
CA ASN A 85 -18.04 5.10 -16.01
C ASN A 85 -17.23 4.69 -14.80
N TRP A 86 -17.30 5.46 -13.72
CA TRP A 86 -16.44 5.16 -12.57
C TRP A 86 -16.80 3.83 -11.91
N GLY A 87 -18.09 3.49 -11.88
CA GLY A 87 -18.55 2.26 -11.25
C GLY A 87 -17.94 1.06 -11.95
N ARG A 88 -17.92 1.10 -13.27
CA ARG A 88 -17.37 0.02 -14.06
C ARG A 88 -15.86 -0.07 -13.94
N ILE A 89 -15.22 1.07 -13.76
CA ILE A 89 -13.79 1.03 -13.53
C ILE A 89 -13.51 0.36 -12.20
N VAL A 90 -14.33 0.67 -11.19
CA VAL A 90 -14.16 0.02 -9.90
C VAL A 90 -14.33 -1.50 -10.08
N ALA A 91 -15.36 -1.88 -10.83
CA ALA A 91 -15.66 -3.29 -11.06
C ALA A 91 -14.49 -4.01 -11.73
N PHE A 92 -13.86 -3.31 -12.66
CA PHE A 92 -12.71 -3.80 -13.40
C PHE A 92 -11.58 -4.16 -12.44
N PHE A 93 -11.32 -3.26 -11.49
CA PHE A 93 -10.26 -3.52 -10.51
C PHE A 93 -10.67 -4.71 -9.63
N SER A 94 -11.91 -4.70 -9.15
CA SER A 94 -12.38 -5.74 -8.25
C SER A 94 -12.39 -7.14 -8.86
N PHE A 95 -12.88 -7.25 -10.09
CA PHE A 95 -12.85 -8.54 -10.79
C PHE A 95 -11.41 -9.01 -11.02
N GLY A 96 -10.53 -8.08 -11.37
CA GLY A 96 -9.13 -8.42 -11.53
C GLY A 96 -8.52 -8.89 -10.22
N GLY A 97 -8.81 -8.19 -9.12
CA GLY A 97 -8.38 -8.64 -7.82
C GLY A 97 -8.86 -10.06 -7.50
N ALA A 98 -10.15 -10.32 -7.71
CA ALA A 98 -10.74 -11.61 -7.38
C ALA A 98 -10.12 -12.74 -8.19
N LEU A 99 -9.76 -12.44 -9.43
CA LEU A 99 -9.06 -13.38 -10.28
C LEU A 99 -7.66 -13.71 -9.80
N CYS A 100 -6.90 -12.72 -9.33
CA CYS A 100 -5.59 -13.04 -8.76
C CYS A 100 -5.74 -13.94 -7.52
N VAL A 101 -6.76 -13.66 -6.70
CA VAL A 101 -6.98 -14.43 -5.49
C VAL A 101 -7.34 -15.87 -5.89
N GLU A 102 -8.31 -16.02 -6.78
CA GLU A 102 -8.70 -17.33 -7.31
C GLU A 102 -7.53 -18.13 -7.87
N SER A 103 -6.70 -17.44 -8.65
CA SER A 103 -5.49 -18.01 -9.21
C SER A 103 -4.61 -18.63 -8.13
N VAL A 104 -4.29 -17.85 -7.10
CA VAL A 104 -3.42 -18.36 -6.04
C VAL A 104 -4.07 -19.56 -5.33
N ASP A 105 -5.38 -19.51 -5.14
CA ASP A 105 -6.13 -20.61 -4.52
C ASP A 105 -5.90 -21.90 -5.29
N LYS A 106 -5.72 -21.77 -6.59
CA LYS A 106 -5.67 -22.94 -7.47
C LYS A 106 -4.25 -23.30 -7.84
N GLU A 107 -3.31 -22.76 -7.08
CA GLU A 107 -1.89 -22.99 -7.28
C GLU A 107 -1.47 -22.57 -8.68
N MET A 108 -2.13 -21.51 -9.16
CA MET A 108 -1.79 -20.87 -10.42
C MET A 108 -1.28 -19.46 -10.09
N GLN A 109 -0.35 -19.38 -9.15
CA GLN A 109 0.25 -18.11 -8.74
C GLN A 109 0.87 -17.35 -9.92
N VAL A 110 1.21 -18.09 -10.98
CA VAL A 110 1.90 -17.50 -12.13
C VAL A 110 1.03 -16.48 -12.87
N LEU A 111 -0.29 -16.60 -12.71
CA LEU A 111 -1.22 -15.69 -13.38
C LEU A 111 -1.27 -14.29 -12.77
N VAL A 112 -0.87 -14.17 -11.50
CA VAL A 112 -0.98 -12.89 -10.79
C VAL A 112 -0.25 -11.74 -11.49
N SER A 113 1.03 -11.94 -11.81
CA SER A 113 1.79 -10.87 -12.45
C SER A 113 1.38 -10.65 -13.89
N ARG A 114 0.80 -11.67 -14.52
CA ARG A 114 0.26 -11.51 -15.87
C ARG A 114 -1.06 -10.74 -15.88
N ILE A 115 -1.90 -10.99 -14.89
CA ILE A 115 -3.16 -10.27 -14.76
C ILE A 115 -2.87 -8.79 -14.50
N ALA A 116 -1.87 -8.53 -13.65
CA ALA A 116 -1.45 -7.17 -13.35
C ALA A 116 -1.01 -6.46 -14.62
N ALA A 117 -0.20 -7.14 -15.42
CA ALA A 117 0.31 -6.52 -16.65
C ALA A 117 -0.84 -6.30 -17.65
N TRP A 118 -1.79 -7.23 -17.69
CA TRP A 118 -2.93 -7.11 -18.62
C TRP A 118 -3.84 -5.95 -18.21
N MET A 119 -4.05 -5.82 -16.90
CA MET A 119 -4.86 -4.71 -16.38
C MET A 119 -4.25 -3.36 -16.75
N ALA A 120 -2.95 -3.22 -16.46
CA ALA A 120 -2.18 -2.02 -16.78
C ALA A 120 -2.27 -1.67 -18.24
N THR A 121 -2.08 -2.68 -19.09
CA THR A 121 -2.24 -2.52 -20.52
C THR A 121 -3.62 -1.99 -20.87
N TYR A 122 -4.64 -2.56 -20.26
CA TYR A 122 -6.00 -2.25 -20.67
C TYR A 122 -6.34 -0.82 -20.20
N LEU A 123 -5.92 -0.49 -18.99
CA LEU A 123 -6.06 0.86 -18.45
C LEU A 123 -5.49 1.88 -19.41
N ASN A 124 -4.25 1.66 -19.80
CA ASN A 124 -3.52 2.57 -20.67
C ASN A 124 -4.17 2.77 -22.00
N ASP A 125 -4.62 1.67 -22.58
CA ASP A 125 -5.08 1.69 -23.96
C ASP A 125 -6.56 1.98 -24.10
N HIS A 126 -7.35 1.62 -23.09
CA HIS A 126 -8.81 1.72 -23.21
C HIS A 126 -9.46 2.72 -22.26
N LEU A 127 -8.85 2.93 -21.10
CA LEU A 127 -9.51 3.69 -20.04
C LEU A 127 -8.88 5.05 -19.76
N GLU A 128 -7.57 5.16 -19.87
CA GLU A 128 -6.88 6.42 -19.60
C GLU A 128 -7.49 7.64 -20.29
N PRO A 129 -7.86 7.53 -21.58
CA PRO A 129 -8.41 8.76 -22.17
C PRO A 129 -9.71 9.17 -21.51
N TRP A 130 -10.60 8.22 -21.22
CA TRP A 130 -11.86 8.55 -20.54
C TRP A 130 -11.56 9.17 -19.18
N ILE A 131 -10.61 8.58 -18.47
CA ILE A 131 -10.26 9.02 -17.14
C ILE A 131 -9.74 10.47 -17.19
N GLN A 132 -8.82 10.74 -18.11
CA GLN A 132 -8.25 12.08 -18.25
C GLN A 132 -9.35 13.09 -18.51
N GLU A 133 -10.19 12.75 -19.47
CA GLU A 133 -11.23 13.65 -19.95
C GLU A 133 -12.35 13.86 -18.92
N ASN A 134 -12.42 12.98 -17.92
CA ASN A 134 -13.49 13.05 -16.93
C ASN A 134 -12.98 13.47 -15.56
N GLY A 135 -11.89 14.23 -15.57
CA GLY A 135 -11.41 14.86 -14.36
C GLY A 135 -10.16 14.24 -13.77
N GLY A 136 -9.70 13.12 -14.31
CA GLY A 136 -8.54 12.44 -13.76
C GLY A 136 -8.94 11.72 -12.49
N TRP A 137 -8.00 11.01 -11.88
CA TRP A 137 -8.29 10.30 -10.64
C TRP A 137 -8.62 11.25 -9.50
N ASP A 138 -8.33 12.55 -9.68
CA ASP A 138 -8.70 13.56 -8.68
C ASP A 138 -10.20 13.59 -8.52
N THR A 139 -10.91 13.41 -9.63
CA THR A 139 -12.36 13.43 -9.57
C THR A 139 -12.89 12.15 -8.91
N PHE A 140 -12.20 11.04 -9.14
CA PHE A 140 -12.58 9.77 -8.51
C PHE A 140 -12.53 9.92 -6.99
N VAL A 141 -11.47 10.54 -6.50
CA VAL A 141 -11.26 10.69 -5.07
C VAL A 141 -12.34 11.61 -4.48
N GLU A 142 -12.74 12.62 -5.25
CA GLU A 142 -13.80 13.52 -4.84
C GLU A 142 -15.17 12.82 -4.76
N LEU A 143 -15.33 11.75 -5.51
CA LEU A 143 -16.61 11.06 -5.59
C LEU A 143 -16.66 9.81 -4.72
N TYR A 144 -15.51 9.14 -4.56
CA TYR A 144 -15.43 7.86 -3.84
C TYR A 144 -14.56 7.90 -2.59
N GLY A 145 -14.28 9.11 -2.09
CA GLY A 145 -13.42 9.25 -0.92
C GLY A 145 -14.15 9.85 0.27
N LEU B 3 8.91 13.81 -12.45
CA LEU B 3 7.75 14.18 -11.66
C LEU B 3 6.72 13.07 -11.48
N GLY B 4 6.20 12.51 -12.57
CA GLY B 4 5.16 11.51 -12.47
C GLY B 4 5.07 10.45 -13.56
N SER B 5 4.36 10.79 -14.64
CA SER B 5 3.95 9.88 -15.73
C SER B 5 2.77 8.99 -15.37
N MET B 6 1.74 9.02 -16.20
CA MET B 6 0.45 8.39 -15.88
C MET B 6 0.36 6.90 -16.20
N SER B 7 1.13 6.45 -17.19
CA SER B 7 1.16 5.03 -17.54
C SER B 7 1.79 4.24 -16.41
N GLN B 8 2.75 4.87 -15.75
CA GLN B 8 3.36 4.31 -14.56
C GLN B 8 2.40 4.43 -13.38
N SER B 9 1.77 5.60 -13.25
CA SER B 9 0.72 5.81 -12.28
C SER B 9 -0.34 4.70 -12.31
N ASN B 10 -0.92 4.46 -13.48
CA ASN B 10 -1.90 3.38 -13.66
C ASN B 10 -1.37 2.03 -13.20
N ARG B 11 -0.14 1.69 -13.59
CA ARG B 11 0.46 0.42 -13.18
C ARG B 11 0.58 0.35 -11.67
N GLU B 12 0.94 1.47 -11.06
CA GLU B 12 1.14 1.57 -9.62
C GLU B 12 -0.19 1.32 -8.91
N LEU B 13 -1.27 1.89 -9.45
CA LEU B 13 -2.61 1.69 -8.92
C LEU B 13 -2.97 0.23 -9.00
N VAL B 14 -2.68 -0.39 -10.13
CA VAL B 14 -2.98 -1.82 -10.28
C VAL B 14 -2.28 -2.66 -9.22
N VAL B 15 -0.98 -2.48 -9.08
CA VAL B 15 -0.17 -3.30 -8.19
C VAL B 15 -0.63 -3.09 -6.72
N ASP B 16 -0.94 -1.83 -6.39
CA ASP B 16 -1.41 -1.50 -5.06
C ASP B 16 -2.71 -2.23 -4.76
N PHE B 17 -3.69 -2.10 -5.65
CA PHE B 17 -4.99 -2.73 -5.45
C PHE B 17 -4.85 -4.25 -5.36
N LEU B 18 -4.11 -4.86 -6.29
CA LEU B 18 -3.96 -6.31 -6.27
C LEU B 18 -3.26 -6.78 -4.98
N SER B 19 -2.22 -6.04 -4.58
N SER B 19 -2.22 -6.04 -4.57
CA SER B 19 -1.50 -6.31 -3.33
CA SER B 19 -1.52 -6.38 -3.33
C SER B 19 -2.47 -6.35 -2.15
C SER B 19 -2.46 -6.35 -2.14
N TYR B 20 -3.33 -5.34 -2.11
CA TYR B 20 -4.30 -5.21 -1.03
C TYR B 20 -5.25 -6.39 -1.06
N LYS B 21 -5.77 -6.73 -2.24
CA LYS B 21 -6.79 -7.79 -2.32
C LYS B 21 -6.20 -9.18 -2.05
N LEU B 22 -4.96 -9.40 -2.48
CA LEU B 22 -4.25 -10.62 -2.14
C LEU B 22 -4.02 -10.73 -0.63
N SER B 23 -3.57 -9.64 -0.02
CA SER B 23 -3.30 -9.63 1.41
C SER B 23 -4.53 -10.03 2.23
N GLN B 24 -5.73 -9.66 1.76
CA GLN B 24 -6.96 -9.95 2.51
C GLN B 24 -7.25 -11.44 2.57
N LYS B 25 -6.68 -12.18 1.63
CA LYS B 25 -6.81 -13.62 1.65
C LYS B 25 -5.56 -14.28 2.22
N GLY B 26 -4.66 -13.49 2.80
CA GLY B 26 -3.46 -14.04 3.40
C GLY B 26 -2.43 -14.41 2.34
N TYR B 27 -2.57 -13.82 1.16
CA TYR B 27 -1.62 -14.03 0.08
C TYR B 27 -0.81 -12.75 -0.08
N SER B 28 0.27 -12.79 -0.85
CA SER B 28 1.07 -11.58 -1.01
C SER B 28 1.77 -11.45 -2.36
N TRP B 29 1.75 -10.22 -2.84
CA TRP B 29 2.38 -9.80 -4.07
C TRP B 29 3.90 -10.08 -4.10
N SER B 30 4.57 -9.81 -2.96
CA SER B 30 6.02 -9.98 -2.82
C SER B 30 6.40 -9.97 -1.33
N GLN B 31 7.68 -10.14 -1.01
CA GLN B 31 8.11 -10.03 0.38
C GLN B 31 7.86 -8.59 0.85
N MET B 32 8.16 -7.63 -0.02
CA MET B 32 7.97 -6.23 0.31
C MET B 32 6.52 -5.99 0.66
N ALA B 33 5.61 -6.53 -0.14
CA ALA B 33 4.17 -6.35 0.13
C ALA B 33 3.75 -7.03 1.43
N ALA B 34 4.26 -8.23 1.67
CA ALA B 34 3.93 -8.95 2.89
C ALA B 34 4.39 -8.15 4.12
N VAL B 35 5.58 -7.56 4.04
CA VAL B 35 6.11 -6.73 5.14
C VAL B 35 5.25 -5.48 5.34
N LYS B 36 4.91 -4.80 4.25
CA LYS B 36 3.99 -3.67 4.33
C LYS B 36 2.66 -4.05 5.06
N GLN B 37 1.97 -5.10 4.62
CA GLN B 37 0.75 -5.52 5.32
C GLN B 37 0.96 -5.75 6.80
N ALA B 38 1.97 -6.57 7.11
CA ALA B 38 2.27 -6.96 8.47
C ALA B 38 2.57 -5.76 9.36
N LEU B 39 3.33 -4.81 8.82
CA LEU B 39 3.72 -3.62 9.56
C LEU B 39 2.55 -2.66 9.80
N ARG B 40 1.68 -2.51 8.80
CA ARG B 40 0.45 -1.73 8.99
C ARG B 40 -0.35 -2.33 10.12
N GLU B 41 -0.48 -3.65 10.11
CA GLU B 41 -1.27 -4.33 11.13
C GLU B 41 -0.64 -4.21 12.51
N ALA B 42 0.67 -4.47 12.58
CA ALA B 42 1.41 -4.32 13.82
C ALA B 42 1.28 -2.89 14.38
N GLY B 43 1.34 -1.91 13.49
CA GLY B 43 1.20 -0.52 13.87
C GLY B 43 -0.19 -0.25 14.45
N ASP B 44 -1.24 -0.73 13.78
CA ASP B 44 -2.60 -0.58 14.33
C ASP B 44 -2.71 -1.15 15.74
N GLU B 45 -2.18 -2.35 15.93
CA GLU B 45 -2.27 -2.98 17.24
C GLU B 45 -1.45 -2.23 18.27
N PHE B 46 -0.26 -1.75 17.92
CA PHE B 46 0.56 -0.99 18.88
C PHE B 46 -0.19 0.27 19.33
N GLU B 47 -0.77 0.99 18.36
CA GLU B 47 -1.48 2.23 18.64
C GLU B 47 -2.76 2.01 19.43
N LEU B 48 -3.42 0.87 19.23
CA LEU B 48 -4.57 0.53 20.06
C LEU B 48 -4.19 0.31 21.52
N ARG B 49 -3.01 -0.25 21.75
CA ARG B 49 -2.60 -0.60 23.09
C ARG B 49 -1.95 0.58 23.83
N TYR B 50 -1.23 1.40 23.08
CA TYR B 50 -0.38 2.44 23.65
C TYR B 50 -0.81 3.85 23.26
N ARG B 51 -2.08 4.01 22.92
CA ARG B 51 -2.63 5.32 22.55
C ARG B 51 -2.24 6.41 23.57
N ARG B 52 -2.17 6.05 24.84
CA ARG B 52 -1.77 6.97 25.92
C ARG B 52 -0.44 7.69 25.65
N ALA B 53 0.44 7.06 24.90
CA ALA B 53 1.77 7.65 24.68
C ALA B 53 1.81 8.63 23.52
N PHE B 54 0.67 8.85 22.88
CA PHE B 54 0.64 9.67 21.66
C PHE B 54 0.08 11.08 21.89
N SER B 55 0.15 11.54 23.13
CA SER B 55 -0.32 12.86 23.46
C SER B 55 0.82 13.87 23.35
N ASP B 56 0.64 14.87 22.48
CA ASP B 56 1.62 15.93 22.27
C ASP B 56 3.04 15.42 22.16
N LEU B 57 3.28 14.64 21.11
CA LEU B 57 4.60 14.09 20.86
C LEU B 57 5.55 15.18 20.39
N THR B 58 5.01 16.17 19.69
CA THR B 58 5.82 17.23 19.09
C THR B 58 6.68 17.93 20.15
N SER B 59 6.05 18.36 21.23
CA SER B 59 6.72 19.05 22.34
C SER B 59 7.63 18.15 23.18
N GLN B 60 7.52 16.84 23.00
CA GLN B 60 8.34 15.91 23.78
C GLN B 60 9.52 15.34 23.03
N LEU B 61 9.36 15.12 21.72
CA LEU B 61 10.43 14.50 20.96
C LEU B 61 11.42 15.52 20.37
N HIS B 62 11.10 16.81 20.49
CA HIS B 62 12.03 17.86 20.08
C HIS B 62 12.57 17.74 18.66
N ILE B 63 11.71 17.31 17.75
CA ILE B 63 12.07 17.15 16.34
C ILE B 63 11.29 18.18 15.51
N THR B 64 12.04 19.06 14.84
CA THR B 64 11.46 20.14 14.05
C THR B 64 12.06 20.07 12.63
N PRO B 65 11.54 20.85 11.68
CA PRO B 65 12.11 20.90 10.33
C PRO B 65 13.62 21.16 10.25
N GLY B 66 14.13 22.08 11.06
CA GLY B 66 15.57 22.30 11.15
C GLY B 66 16.40 21.29 11.94
N THR B 67 15.80 20.17 12.33
CA THR B 67 16.52 19.15 13.08
C THR B 67 17.55 18.46 12.16
N ALA B 68 18.75 18.20 12.66
CA ALA B 68 19.75 17.42 11.92
C ALA B 68 19.52 15.92 12.13
N TYR B 69 19.92 15.10 11.16
CA TYR B 69 19.78 13.66 11.33
C TYR B 69 20.41 13.14 12.62
N GLN B 70 21.55 13.70 13.02
CA GLN B 70 22.22 13.20 14.22
C GLN B 70 21.34 13.41 15.46
N SER B 71 20.57 14.50 15.49
CA SER B 71 19.66 14.73 16.60
CA SER B 71 19.65 14.74 16.60
C SER B 71 18.47 13.78 16.55
N PHE B 72 17.92 13.56 15.36
CA PHE B 72 16.84 12.59 15.18
C PHE B 72 17.30 11.21 15.69
N GLU B 73 18.54 10.86 15.34
CA GLU B 73 19.14 9.59 15.70
C GLU B 73 19.26 9.44 17.22
N GLN B 74 19.66 10.52 17.88
CA GLN B 74 19.78 10.50 19.33
C GLN B 74 18.41 10.32 20.00
N VAL B 75 17.39 11.03 19.50
CA VAL B 75 16.03 10.80 19.96
C VAL B 75 15.54 9.36 19.78
N VAL B 76 15.65 8.83 18.57
CA VAL B 76 15.23 7.44 18.35
C VAL B 76 16.05 6.44 19.17
N ASN B 77 17.36 6.67 19.27
CA ASN B 77 18.22 5.84 20.10
C ASN B 77 17.65 5.64 21.50
N GLU B 78 17.01 6.69 22.01
CA GLU B 78 16.42 6.68 23.35
C GLU B 78 15.28 5.66 23.45
N LEU B 79 14.53 5.51 22.37
CA LEU B 79 13.46 4.51 22.34
C LEU B 79 14.00 3.09 22.49
N PHE B 80 15.23 2.88 22.01
CA PHE B 80 15.85 1.55 21.97
C PHE B 80 16.96 1.46 23.01
N ARG B 81 16.96 2.39 23.96
CA ARG B 81 18.00 2.47 24.97
C ARG B 81 18.26 1.10 25.66
N ASP B 82 17.21 0.33 25.88
CA ASP B 82 17.33 -0.95 26.56
C ASP B 82 17.37 -2.13 25.59
N GLY B 83 17.70 -1.87 24.33
CA GLY B 83 17.85 -2.93 23.36
C GLY B 83 16.81 -2.87 22.25
N VAL B 84 17.11 -3.55 21.16
CA VAL B 84 16.16 -3.67 20.06
C VAL B 84 15.40 -4.98 20.17
N ASN B 85 14.08 -4.92 19.99
CA ASN B 85 13.26 -6.10 19.84
C ASN B 85 12.16 -5.79 18.82
N TRP B 86 11.42 -6.80 18.38
CA TRP B 86 10.40 -6.57 17.35
C TRP B 86 9.37 -5.53 17.81
N GLY B 87 8.92 -5.65 19.07
CA GLY B 87 7.98 -4.69 19.64
C GLY B 87 8.47 -3.25 19.50
N ARG B 88 9.74 -3.02 19.75
CA ARG B 88 10.27 -1.65 19.70
C ARG B 88 10.44 -1.18 18.25
N ILE B 89 10.68 -2.12 17.35
CA ILE B 89 10.77 -1.75 15.95
C ILE B 89 9.38 -1.29 15.47
N VAL B 90 8.35 -2.00 15.89
CA VAL B 90 7.00 -1.54 15.56
C VAL B 90 6.76 -0.14 16.13
N ALA B 91 7.14 0.06 17.40
CA ALA B 91 6.97 1.36 18.07
C ALA B 91 7.62 2.51 17.29
N PHE B 92 8.82 2.25 16.78
CA PHE B 92 9.56 3.19 15.97
C PHE B 92 8.70 3.69 14.80
N PHE B 93 8.08 2.78 14.07
CA PHE B 93 7.18 3.20 13.00
C PHE B 93 5.98 4.01 13.50
N SER B 94 5.31 3.52 14.53
CA SER B 94 4.10 4.16 15.04
C SER B 94 4.39 5.56 15.58
N PHE B 95 5.53 5.71 16.25
CA PHE B 95 5.93 7.04 16.73
C PHE B 95 6.22 7.98 15.56
N GLY B 96 6.91 7.47 14.55
CA GLY B 96 7.12 8.24 13.33
C GLY B 96 5.81 8.65 12.71
N GLY B 97 4.90 7.69 12.59
CA GLY B 97 3.57 7.94 12.04
C GLY B 97 2.84 9.05 12.75
N ALA B 98 2.81 8.96 14.08
CA ALA B 98 2.07 9.91 14.90
C ALA B 98 2.66 11.32 14.84
N LEU B 99 3.98 11.41 14.79
CA LEU B 99 4.63 12.69 14.71
C LEU B 99 4.27 13.34 13.37
N CYS B 100 4.17 12.51 12.33
CA CYS B 100 3.76 13.00 11.01
C CYS B 100 2.34 13.59 11.04
N VAL B 101 1.43 12.89 11.68
CA VAL B 101 0.06 13.36 11.77
C VAL B 101 0.01 14.70 12.51
N GLU B 102 0.72 14.80 13.64
CA GLU B 102 0.77 16.05 14.39
C GLU B 102 1.31 17.18 13.52
N SER B 103 2.38 16.89 12.77
CA SER B 103 3.01 17.88 11.91
C SER B 103 2.02 18.42 10.88
N VAL B 104 1.08 17.56 10.47
CA VAL B 104 0.03 17.98 9.56
C VAL B 104 -1.00 18.83 10.32
N ASP B 105 -1.45 18.36 11.48
CA ASP B 105 -2.26 19.18 12.39
C ASP B 105 -1.68 20.59 12.64
N LYS B 106 -0.35 20.69 12.75
CA LYS B 106 0.26 22.00 13.05
C LYS B 106 0.76 22.72 11.82
N GLU B 107 0.31 22.28 10.64
CA GLU B 107 0.65 22.93 9.38
C GLU B 107 2.15 22.99 9.12
N MET B 108 2.87 21.98 9.60
CA MET B 108 4.26 21.80 9.23
C MET B 108 4.37 20.53 8.40
N GLN B 109 3.72 20.55 7.23
CA GLN B 109 3.70 19.40 6.36
C GLN B 109 5.10 19.08 5.87
N VAL B 110 5.94 20.11 5.75
CA VAL B 110 7.31 19.95 5.30
C VAL B 110 8.06 18.93 6.16
N LEU B 111 7.66 18.82 7.43
CA LEU B 111 8.33 17.91 8.35
C LEU B 111 8.06 16.43 8.02
N VAL B 112 6.96 16.17 7.30
CA VAL B 112 6.60 14.80 6.94
C VAL B 112 7.63 14.08 6.06
N SER B 113 8.07 14.72 5.00
CA SER B 113 9.06 14.10 4.12
C SER B 113 10.42 14.01 4.82
N ARG B 114 10.73 14.98 5.68
CA ARG B 114 11.96 14.92 6.47
C ARG B 114 12.01 13.70 7.38
N ILE B 115 10.92 13.52 8.15
CA ILE B 115 10.77 12.33 8.97
C ILE B 115 10.88 11.05 8.15
N ALA B 116 10.28 11.03 6.95
CA ALA B 116 10.31 9.83 6.13
C ALA B 116 11.75 9.49 5.79
N ALA B 117 12.51 10.51 5.38
CA ALA B 117 13.89 10.32 4.99
C ALA B 117 14.77 9.90 6.18
N TRP B 118 14.52 10.50 7.34
CA TRP B 118 15.29 10.20 8.55
C TRP B 118 15.01 8.75 8.98
N MET B 119 13.77 8.32 8.84
CA MET B 119 13.35 6.99 9.27
C MET B 119 13.93 5.92 8.36
N ALA B 120 13.99 6.24 7.08
CA ALA B 120 14.50 5.31 6.09
C ALA B 120 16.00 5.07 6.33
N THR B 121 16.70 6.15 6.66
CA THR B 121 18.12 6.11 7.02
C THR B 121 18.38 5.34 8.31
N TYR B 122 17.59 5.63 9.35
CA TYR B 122 17.69 4.92 10.63
C TYR B 122 17.38 3.43 10.46
N LEU B 123 16.36 3.13 9.65
CA LEU B 123 16.03 1.74 9.33
C LEU B 123 17.23 1.09 8.63
N ASN B 124 17.76 1.78 7.63
CA ASN B 124 18.87 1.26 6.84
C ASN B 124 20.11 0.99 7.68
N ASP B 125 20.42 1.92 8.59
CA ASP B 125 21.71 1.91 9.28
C ASP B 125 21.67 1.18 10.61
N HIS B 126 20.53 1.26 11.30
CA HIS B 126 20.39 0.72 12.65
C HIS B 126 19.55 -0.57 12.72
N LEU B 127 18.33 -0.50 12.22
CA LEU B 127 17.36 -1.55 12.53
C LEU B 127 17.42 -2.73 11.57
N GLU B 128 17.56 -2.45 10.28
CA GLU B 128 17.63 -3.55 9.33
C GLU B 128 18.82 -4.50 9.58
N PRO B 129 20.01 -3.95 9.90
CA PRO B 129 21.07 -4.89 10.28
C PRO B 129 20.69 -5.82 11.44
N TRP B 130 20.00 -5.30 12.46
CA TRP B 130 19.54 -6.14 13.57
C TRP B 130 18.53 -7.18 13.04
N ILE B 131 17.61 -6.74 12.19
CA ILE B 131 16.64 -7.65 11.61
C ILE B 131 17.34 -8.83 10.95
N GLN B 132 18.39 -8.54 10.18
CA GLN B 132 19.14 -9.59 9.48
C GLN B 132 19.90 -10.54 10.40
N GLU B 133 20.06 -10.16 11.66
CA GLU B 133 20.64 -11.08 12.64
C GLU B 133 19.59 -11.81 13.46
N ASN B 134 18.31 -11.53 13.20
CA ASN B 134 17.27 -12.03 14.10
C ASN B 134 16.11 -12.68 13.35
N GLY B 135 16.42 -13.22 12.17
CA GLY B 135 15.44 -13.99 11.41
C GLY B 135 15.06 -13.37 10.09
N GLY B 136 15.49 -12.13 9.86
CA GLY B 136 15.23 -11.44 8.60
C GLY B 136 13.80 -10.92 8.50
N TRP B 137 13.50 -10.26 7.39
CA TRP B 137 12.15 -9.81 7.14
C TRP B 137 11.12 -10.94 7.12
N ASP B 138 11.54 -12.14 6.71
CA ASP B 138 10.62 -13.28 6.72
C ASP B 138 10.12 -13.60 8.12
N THR B 139 10.99 -13.40 9.12
CA THR B 139 10.58 -13.60 10.50
C THR B 139 9.59 -12.53 10.96
N PHE B 140 9.76 -11.29 10.50
CA PHE B 140 8.80 -10.24 10.85
C PHE B 140 7.41 -10.60 10.35
N VAL B 141 7.34 -11.08 9.11
CA VAL B 141 6.08 -11.52 8.49
C VAL B 141 5.44 -12.68 9.23
N GLU B 142 6.25 -13.64 9.66
CA GLU B 142 5.71 -14.75 10.44
C GLU B 142 5.13 -14.25 11.74
N LEU B 143 5.77 -13.26 12.34
CA LEU B 143 5.36 -12.79 13.68
C LEU B 143 4.14 -11.87 13.67
N TYR B 144 4.00 -11.07 12.62
CA TYR B 144 2.98 -10.02 12.61
C TYR B 144 2.04 -10.10 11.41
N GLY B 145 2.40 -10.94 10.44
CA GLY B 145 1.64 -10.99 9.20
C GLY B 145 0.46 -11.94 9.27
N ASN B 146 -0.29 -12.03 8.19
CA ASN B 146 -1.48 -12.86 8.19
C ASN B 146 -1.43 -14.05 7.25
N ASN B 147 -0.24 -14.59 7.01
CA ASN B 147 -0.03 -15.94 6.45
C ASN B 147 1.40 -16.17 5.99
O2 X0D C . -24.29 -7.49 -11.06
C21 X0D C . -23.53 -7.72 -12.02
O1 X0D C . -23.96 -7.89 -13.19
C20 X0D C . -22.05 -7.78 -11.77
C22 X0D C . -21.53 -6.47 -11.17
S23 X0D C . -21.35 -5.19 -12.37
C24 X0D C . -22.85 -4.29 -12.20
C25 X0D C . -22.54 -2.78 -12.12
C27 X0D C . -21.06 -2.47 -11.84
C26 X0D C . -23.41 -2.08 -11.08
N19 X0D C . -21.34 -8.02 -13.03
C19 X0D C . -21.00 -9.25 -13.43
O19 X0D C . -21.30 -10.17 -12.70
N15 X0D C . -20.30 -9.52 -14.55
C16 X0D C . -20.03 -10.91 -14.89
C17 X0D C . -18.78 -11.37 -14.15
C18 X0D C . -18.50 -12.83 -14.48
C15 X0D C . -19.74 -8.50 -15.25
O15 X0D C . -19.98 -7.32 -15.01
C11 X0D C . -18.76 -8.70 -16.37
C10 X0D C . -17.38 -8.66 -16.10
C12 X0D C . -19.18 -8.89 -17.67
C13 X0D C . -18.23 -9.05 -18.68
C14 X0D C . -16.85 -9.01 -18.41
C9 X0D C . -16.42 -8.81 -17.11
C8 X0D C . -15.14 -8.77 -16.82
C7 X0D C . -13.98 -8.75 -16.51
C1 X0D C . -12.72 -8.73 -16.16
C6 X0D C . -11.80 -9.73 -16.51
C5 X0D C . -10.48 -9.61 -16.08
C4 X0D C . -10.03 -8.54 -15.32
F4 X0D C . -8.75 -8.43 -14.89
C3 X0D C . -10.94 -7.55 -14.98
C2 X0D C . -12.27 -7.66 -15.41
F2 X0D C . -13.16 -6.70 -15.09
S SO4 D . 7.80 9.26 -2.44
O1 SO4 D . 7.81 8.05 -1.64
O2 SO4 D . 6.59 9.26 -3.27
O3 SO4 D . 7.82 10.47 -1.63
O4 SO4 D . 9.03 9.28 -3.23
S SO4 E . 6.57 -4.44 -4.81
O1 SO4 E . 7.26 -5.71 -5.02
O2 SO4 E . 7.52 -3.43 -4.35
O3 SO4 E . 6.00 -4.01 -6.09
O4 SO4 E . 5.52 -4.59 -3.81
S SO4 F . -10.86 -25.37 -10.98
O1 SO4 F . -10.26 -25.06 -9.68
O2 SO4 F . -10.51 -26.74 -11.37
O3 SO4 F . -10.37 -24.43 -11.98
O4 SO4 F . -12.31 -25.26 -10.88
S SO4 G . -24.18 0.51 -15.08
O1 SO4 G . -23.84 0.66 -16.48
O2 SO4 G . -23.09 1.02 -14.25
O3 SO4 G . -24.41 -0.91 -14.80
O4 SO4 G . -25.38 1.28 -14.81
S SO4 H . -10.56 -4.06 -29.59
O1 SO4 H . -10.01 -3.87 -28.25
O2 SO4 H . -9.47 -4.20 -30.56
O3 SO4 H . -11.39 -2.91 -29.94
O4 SO4 H . -11.36 -5.27 -29.62
C1 EDO I . -20.02 7.63 -11.91
O1 EDO I . -19.66 7.50 -13.30
C2 EDO I . -20.05 6.26 -11.22
O2 EDO I . -20.72 5.31 -12.05
C1 EDO J . -5.69 -22.69 -22.30
O1 EDO J . -5.74 -22.64 -20.87
C2 EDO J . -5.53 -21.27 -22.83
O2 EDO J . -6.74 -20.54 -22.58
C1 EDO K . 18.93 -6.22 2.04
O1 EDO K . 18.29 -5.19 1.25
C2 EDO K . 18.02 -6.78 3.14
O2 EDO K . 16.98 -7.60 2.56
C1 EDO L . 1.54 6.46 -2.41
O1 EDO L . 2.31 5.77 -3.39
C2 EDO L . 1.02 5.45 -1.39
O2 EDO L . 2.12 4.93 -0.64
C1 EDO M . -6.51 -0.01 3.01
O1 EDO M . -5.18 -0.04 3.57
C2 EDO M . -7.58 0.08 4.09
O2 EDO M . -8.87 0.24 3.46
O2 X0D N . 5.29 4.81 28.88
C21 X0D N . 6.10 5.14 27.98
O1 X0D N . 7.18 5.73 28.23
C20 X0D N . 5.75 4.82 26.55
C22 X0D N . 5.77 3.31 26.34
S23 X0D N . 5.23 2.94 24.70
C24 X0D N . 5.28 1.19 24.75
C25 X0D N . 6.71 0.74 24.62
C27 X0D N . 7.37 1.46 23.45
C26 X0D N . 6.79 -0.77 24.44
N19 X0D N . 6.72 5.36 25.59
C19 X0D N . 6.68 6.63 25.19
O19 X0D N . 5.79 7.34 25.66
N15 X0D N . 7.65 7.21 24.44
C16 X0D N . 7.44 8.54 23.90
C17 X0D N . 7.77 9.59 24.95
C18 X0D N . 7.43 10.94 24.37
C15 X0D N . 8.78 6.54 24.14
O15 X0D N . 9.04 5.41 24.52
C11 X0D N . 9.86 7.20 23.31
C10 X0D N . 9.80 7.33 21.92
C12 X0D N . 11.01 7.63 23.98
C13 X0D N . 12.05 8.21 23.27
C14 X0D N . 11.97 8.35 21.89
C9 X0D N . 10.84 7.92 21.20
C8 X0D N . 10.77 8.10 19.91
C7 X0D N . 10.70 8.28 18.72
C1 X0D N . 10.63 8.45 17.43
C6 X0D N . 10.72 9.73 16.87
C5 X0D N . 10.66 9.90 15.48
C4 X0D N . 10.51 8.79 14.65
F4 X0D N . 10.45 8.94 13.33
C3 X0D N . 10.42 7.53 15.20
C2 X0D N . 10.49 7.37 16.58
F2 X0D N . 10.42 6.14 17.10
S SO4 O . 10.31 -4.03 26.20
O1 SO4 O . 9.90 -2.99 27.15
O2 SO4 O . 11.29 -4.90 26.85
O3 SO4 O . 9.16 -4.83 25.84
O4 SO4 O . 10.89 -3.41 25.01
S SO4 P . 20.18 16.05 7.63
O1 SO4 P . 21.03 16.13 8.82
O2 SO4 P . 20.94 15.45 6.53
O3 SO4 P . 19.01 15.21 7.89
O4 SO4 P . 19.73 17.38 7.26
C1 EDO Q . 9.53 -8.95 21.56
O1 EDO Q . 9.13 -7.74 20.90
C2 EDO Q . 10.18 -9.90 20.56
O2 EDO Q . 11.49 -9.42 20.20
C1 EDO R . 10.63 -12.83 -1.89
O1 EDO R . 11.95 -13.18 -1.41
C2 EDO R . 10.76 -11.69 -2.90
O2 EDO R . 9.57 -10.90 -2.92
C1 EDO S . 23.38 9.96 18.86
O1 EDO S . 23.64 10.32 20.22
C2 EDO S . 23.85 11.07 17.93
O2 EDO S . 23.65 10.67 16.57
C1 EDO T . -6.69 2.77 15.23
O1 EDO T . -7.11 3.46 14.04
C2 EDO T . -5.20 2.44 15.15
O2 EDO T . -4.44 3.66 15.22
C1 EDO U . -0.26 -3.08 1.46
O1 EDO U . 0.34 -1.79 1.21
C2 EDO U . -1.38 -2.95 2.50
O2 EDO U . -1.92 -4.23 2.86
C1 EDO V . -6.57 -5.59 5.60
O1 EDO V . -6.60 -4.16 5.58
C2 EDO V . -5.46 -6.10 4.69
O2 EDO V . -5.15 -7.45 5.04
C1 EDO W . 24.93 9.61 -0.01
O1 EDO W . 24.51 10.45 1.08
C2 EDO W . 25.82 8.50 0.54
O2 EDO W . 25.04 7.69 1.42
#